data_3S1Y
#
_entry.id   3S1Y
#
_cell.length_a   43.253
_cell.length_b   69.696
_cell.length_c   101.667
_cell.angle_alpha   90.00
_cell.angle_beta   90.00
_cell.angle_gamma   90.00
#
_symmetry.space_group_name_H-M   'P 21 21 21'
#
loop_
_entity.id
_entity.type
_entity.pdbx_description
1 polymer Beta-lactamase
2 non-polymer '[(2S,3R)-1-{[(4S)-1-(2-aminoethyl)azepan-4-yl]carbamoyl}-2-formylpyrrolidin-3-yl]sulfamic acid'
3 non-polymer 'CHLORIDE ION'
4 non-polymer 'ISOPROPYL ALCOHOL'
5 water water
#
_entity_poly.entity_id   1
_entity_poly.type   'polypeptide(L)'
_entity_poly.pdbx_seq_one_letter_code
;GEAPADRLKALVDAAVQPVMKANDIPGLAVAISLKGEPHYFSYGLASKEDGRRVTPETLFEIGSVSKTFTATLAGYALTQ
DKMRLDDRASQHWPALQGSRFDGISLLDLATYTAGGLPLQFPDSVQKDQAQIRDYYRQWQPTYAPGSQRLYSNPSIGLFG
YLAARSLGQPFERLMEQQVFPALGLEQTHLDVPEAALAQYAQGYGKDDRPLRVGPGPLDAEGYGVKTSAADLLRFVDANL
HPERLDRPWAQALDATHRGYYKVGDMTQGLGWEAYDWPISLKRLQAGNSTPMALQPHRIARLPAPQALEGQRLLNKTGST
NGFGAYVAFVPGRDLGLVILANRNYPNAERVKIAYAILSGLEQQGKVPLKA
;
_entity_poly.pdbx_strand_id   A
#
# COMPACT_ATOMS: atom_id res chain seq x y z
N ALA A 3 -32.16 0.24 9.75
CA ALA A 3 -31.34 1.24 10.50
C ALA A 3 -29.83 1.03 10.34
N PRO A 4 -29.33 -0.23 10.41
CA PRO A 4 -27.90 -0.48 10.28
C PRO A 4 -27.31 0.01 8.96
N ALA A 5 -27.98 -0.28 7.85
CA ALA A 5 -27.54 0.20 6.54
C ALA A 5 -27.64 1.72 6.46
N ASP A 6 -28.72 2.27 7.01
CA ASP A 6 -28.92 3.71 7.07
C ASP A 6 -27.83 4.38 7.90
N ARG A 7 -27.58 3.84 9.08
CA ARG A 7 -26.56 4.38 9.98
C ARG A 7 -25.20 4.33 9.31
N LEU A 8 -24.89 3.21 8.67
CA LEU A 8 -23.62 3.07 8.00
C LEU A 8 -23.49 4.06 6.87
N LYS A 9 -24.53 4.17 6.04
CA LYS A 9 -24.53 5.16 4.98
C LYS A 9 -24.36 6.56 5.56
N ALA A 10 -25.15 6.88 6.59
CA ALA A 10 -25.08 8.18 7.23
C ALA A 10 -23.68 8.45 7.74
N LEU A 11 -23.09 7.43 8.36
CA LEU A 11 -21.76 7.53 8.93
C LEU A 11 -20.73 7.76 7.84
N VAL A 12 -20.75 6.92 6.82
CA VAL A 12 -19.78 7.02 5.75
C VAL A 12 -19.95 8.33 5.00
N ASP A 13 -21.20 8.68 4.67
CA ASP A 13 -21.47 9.97 4.04
C ASP A 13 -20.92 11.11 4.88
N ALA A 14 -21.20 11.08 6.18
CA ALA A 14 -20.77 12.12 7.09
C ALA A 14 -19.26 12.21 7.17
N ALA A 15 -18.60 11.07 7.05
CA ALA A 15 -17.15 11.01 7.10
C ALA A 15 -16.56 11.47 5.78
N VAL A 16 -17.17 11.03 4.69
CA VAL A 16 -16.60 11.20 3.36
C VAL A 16 -16.91 12.55 2.75
N GLN A 17 -18.20 12.89 2.70
CA GLN A 17 -18.64 14.03 1.92
C GLN A 17 -17.94 15.34 2.29
N PRO A 18 -17.82 15.65 3.60
CA PRO A 18 -17.13 16.90 3.92
C PRO A 18 -15.67 16.87 3.52
N VAL A 19 -15.03 15.71 3.64
CA VAL A 19 -13.65 15.59 3.25
C VAL A 19 -13.51 15.69 1.72
N MET A 20 -14.46 15.12 0.99
CA MET A 20 -14.46 15.28 -0.45
C MET A 20 -14.62 16.72 -0.88
N LYS A 21 -15.56 17.41 -0.25
CA LYS A 21 -15.80 18.81 -0.55
C LYS A 21 -14.57 19.63 -0.16
N ALA A 22 -14.03 19.35 1.02
CA ALA A 22 -12.91 20.12 1.53
C ALA A 22 -11.65 19.92 0.69
N ASN A 23 -11.55 18.77 0.06
CA ASN A 23 -10.38 18.46 -0.72
C ASN A 23 -10.67 18.41 -2.20
N ASP A 24 -11.85 18.93 -2.57
CA ASP A 24 -12.32 18.95 -3.95
C ASP A 24 -12.05 17.61 -4.62
N ILE A 25 -12.40 16.54 -3.93
CA ILE A 25 -12.20 15.21 -4.47
C ILE A 25 -13.33 14.93 -5.43
N PRO A 26 -13.00 14.73 -6.71
CA PRO A 26 -14.07 14.49 -7.67
C PRO A 26 -14.81 13.20 -7.38
N GLY A 27 -14.05 12.14 -7.09
CA GLY A 27 -14.65 10.85 -6.90
C GLY A 27 -13.94 10.10 -5.80
N LEU A 28 -14.72 9.36 -5.04
CA LEU A 28 -14.16 8.65 -3.92
C LEU A 28 -15.00 7.43 -3.69
N ALA A 29 -14.31 6.31 -3.56
CA ALA A 29 -14.97 5.05 -3.28
C ALA A 29 -14.53 4.60 -1.92
N VAL A 30 -15.52 4.27 -1.09
CA VAL A 30 -15.24 3.65 0.16
C VAL A 30 -15.73 2.23 0.06
N ALA A 31 -14.92 1.32 0.56
CA ALA A 31 -15.39 -0.01 0.79
C ALA A 31 -15.06 -0.35 2.21
N ILE A 32 -16.03 -0.90 2.91
CA ILE A 32 -15.83 -1.25 4.28
C ILE A 32 -16.17 -2.71 4.43
N SER A 33 -15.26 -3.44 5.05
CA SER A 33 -15.55 -4.81 5.43
C SER A 33 -15.95 -4.74 6.87
N LEU A 34 -17.19 -5.11 7.14
CA LEU A 34 -17.75 -5.02 8.47
C LEU A 34 -18.54 -6.28 8.72
N LYS A 35 -18.23 -6.93 9.85
CA LYS A 35 -18.90 -8.17 10.27
C LYS A 35 -19.03 -9.18 9.12
N GLY A 36 -17.94 -9.33 8.37
CA GLY A 36 -17.86 -10.32 7.29
C GLY A 36 -18.57 -9.92 6.01
N GLU A 37 -18.96 -8.65 5.90
CA GLU A 37 -19.70 -8.17 4.75
C GLU A 37 -19.03 -6.96 4.15
N PRO A 38 -18.97 -6.89 2.81
CA PRO A 38 -18.48 -5.69 2.17
C PRO A 38 -19.59 -4.66 2.07
N HIS A 39 -19.22 -3.40 2.27
CA HIS A 39 -20.16 -2.30 2.15
C HIS A 39 -19.47 -1.27 1.30
N TYR A 40 -20.14 -0.87 0.23
CA TYR A 40 -19.55 0.05 -0.69
C TYR A 40 -20.30 1.35 -0.67
N PHE A 41 -19.54 2.42 -0.70
CA PHE A 41 -20.10 3.74 -0.75
C PHE A 41 -19.30 4.48 -1.77
N SER A 42 -19.98 4.91 -2.82
CA SER A 42 -19.32 5.51 -3.94
C SER A 42 -19.79 6.92 -4.05
N TYR A 43 -18.83 7.81 -4.28
CA TYR A 43 -19.12 9.22 -4.27
C TYR A 43 -18.53 9.87 -5.47
N GLY A 44 -19.32 10.74 -6.06
CA GLY A 44 -18.85 11.62 -7.09
C GLY A 44 -18.41 10.91 -8.33
N LEU A 45 -17.42 11.50 -8.98
CA LEU A 45 -17.13 11.21 -10.36
C LEU A 45 -15.79 10.58 -10.52
N ALA A 46 -15.78 9.47 -11.23
CA ALA A 46 -14.54 8.85 -11.67
C ALA A 46 -13.88 9.78 -12.68
N SER A 47 -14.69 10.41 -13.51
CA SER A 47 -14.22 11.42 -14.42
C SER A 47 -15.19 12.57 -14.42
N LYS A 48 -14.69 13.76 -14.10
CA LYS A 48 -15.50 14.97 -14.12
C LYS A 48 -15.96 15.29 -15.53
N GLU A 49 -15.15 14.88 -16.50
CA GLU A 49 -15.35 15.25 -17.90
C GLU A 49 -16.40 14.41 -18.60
N ASP A 50 -16.32 13.09 -18.47
CA ASP A 50 -17.31 12.22 -19.12
C ASP A 50 -18.46 11.86 -18.16
N GLY A 51 -18.34 12.32 -16.92
CA GLY A 51 -19.41 12.16 -15.94
C GLY A 51 -19.56 10.77 -15.39
N ARG A 52 -18.60 9.90 -15.69
CA ARG A 52 -18.59 8.54 -15.14
C ARG A 52 -18.57 8.65 -13.62
N ARG A 53 -19.55 8.03 -12.99
CA ARG A 53 -19.64 8.03 -11.54
C ARG A 53 -18.68 7.00 -10.98
N VAL A 54 -18.18 7.29 -9.80
CA VAL A 54 -17.42 6.30 -9.05
C VAL A 54 -18.38 5.20 -8.66
N THR A 55 -17.91 3.97 -8.82
CA THR A 55 -18.61 2.80 -8.33
C THR A 55 -17.60 1.98 -7.57
N PRO A 56 -18.05 0.91 -6.90
CA PRO A 56 -17.10 0.05 -6.22
C PRO A 56 -16.16 -0.66 -7.19
N GLU A 57 -16.46 -0.56 -8.49
CA GLU A 57 -15.66 -1.21 -9.52
CA GLU A 57 -15.65 -1.22 -9.51
C GLU A 57 -14.74 -0.24 -10.23
N THR A 58 -14.89 1.05 -9.92
CA THR A 58 -14.03 2.06 -10.50
C THR A 58 -12.60 1.77 -10.09
N LEU A 59 -11.71 1.78 -11.07
CA LEU A 59 -10.30 1.60 -10.81
C LEU A 59 -9.69 2.91 -10.40
N PHE A 60 -9.02 2.88 -9.26
CA PHE A 60 -8.26 4.00 -8.79
C PHE A 60 -6.85 3.57 -8.72
N GLU A 61 -5.95 4.53 -8.93
CA GLU A 61 -4.57 4.30 -8.60
C GLU A 61 -4.49 4.34 -7.10
N ILE A 62 -3.84 3.34 -6.53
CA ILE A 62 -3.73 3.31 -5.10
C ILE A 62 -2.33 3.68 -4.67
N GLY A 63 -1.49 3.99 -5.64
CA GLY A 63 -0.13 4.43 -5.35
C GLY A 63 0.52 3.48 -4.38
N SER A 64 1.13 4.03 -3.35
CA SER A 64 1.90 3.24 -2.39
C SER A 64 1.13 2.17 -1.64
N VAL A 65 -0.20 2.18 -1.73
CA VAL A 65 -0.92 1.05 -1.16
C VAL A 65 -0.50 -0.21 -1.90
N SER A 66 -0.03 -0.03 -3.15
CA SER A 66 0.51 -1.13 -3.92
C SER A 66 1.58 -1.89 -3.16
N LYS A 67 2.28 -1.19 -2.27
CA LYS A 67 3.35 -1.80 -1.53
C LYS A 67 2.86 -2.93 -0.67
N THR A 68 1.59 -2.93 -0.32
CA THR A 68 1.06 -4.03 0.47
C THR A 68 0.88 -5.26 -0.42
N PHE A 69 0.59 -5.03 -1.69
CA PHE A 69 0.60 -6.11 -2.66
C PHE A 69 2.02 -6.59 -2.90
N THR A 70 2.92 -5.64 -3.07
CA THR A 70 4.33 -5.95 -3.21
C THR A 70 4.79 -6.76 -2.02
N ALA A 71 4.38 -6.34 -0.84
CA ALA A 71 4.75 -7.03 0.38
C ALA A 71 4.20 -8.44 0.40
N THR A 72 3.02 -8.60 -0.18
CA THR A 72 2.37 -9.91 -0.25
C THR A 72 3.15 -10.82 -1.17
N LEU A 73 3.57 -10.30 -2.31
CA LEU A 73 4.42 -11.07 -3.21
CA LEU A 73 4.43 -11.04 -3.22
C LEU A 73 5.71 -11.43 -2.50
N ALA A 74 6.30 -10.46 -1.81
CA ALA A 74 7.50 -10.71 -1.05
C ALA A 74 7.22 -11.76 0.01
N GLY A 75 6.08 -11.61 0.69
CA GLY A 75 5.64 -12.58 1.68
C GLY A 75 5.58 -13.96 1.08
N TYR A 76 5.12 -14.03 -0.17
CA TYR A 76 5.07 -15.28 -0.90
C TYR A 76 6.47 -15.81 -1.13
N ALA A 77 7.35 -14.96 -1.67
CA ALA A 77 8.74 -15.36 -1.87
C ALA A 77 9.35 -15.86 -0.57
N LEU A 78 9.10 -15.14 0.52
CA LEU A 78 9.67 -15.46 1.83
C LEU A 78 9.19 -16.79 2.33
N THR A 79 7.88 -17.01 2.28
CA THR A 79 7.28 -18.21 2.84
C THR A 79 7.43 -19.40 1.88
N GLN A 80 7.81 -19.11 0.63
CA GLN A 80 8.24 -20.13 -0.33
C GLN A 80 9.72 -20.45 -0.21
N ASP A 81 10.39 -19.81 0.76
CA ASP A 81 11.82 -19.99 1.03
C ASP A 81 12.70 -19.62 -0.17
N LYS A 82 12.22 -18.69 -0.99
CA LYS A 82 12.96 -18.21 -2.14
C LYS A 82 13.87 -17.07 -1.72
N MET A 83 13.56 -16.49 -0.57
CA MET A 83 14.36 -15.43 0.01
C MET A 83 14.08 -15.39 1.50
N ARG A 84 14.99 -14.75 2.21
CA ARG A 84 14.82 -14.51 3.63
C ARG A 84 14.97 -13.03 3.85
N LEU A 85 14.30 -12.51 4.87
CA LEU A 85 14.34 -11.08 5.14
C LEU A 85 15.74 -10.60 5.47
N ASP A 86 16.54 -11.47 6.06
CA ASP A 86 17.90 -11.12 6.41
C ASP A 86 18.90 -11.38 5.27
N ASP A 87 18.39 -11.81 4.11
CA ASP A 87 19.25 -11.92 2.92
C ASP A 87 19.75 -10.55 2.59
N ARG A 88 21.00 -10.47 2.13
CA ARG A 88 21.48 -9.23 1.58
C ARG A 88 20.83 -9.05 0.22
N ALA A 89 20.51 -7.80 -0.10
CA ALA A 89 19.77 -7.48 -1.32
C ALA A 89 20.47 -8.04 -2.55
N SER A 90 21.80 -7.93 -2.57
CA SER A 90 22.59 -8.35 -3.71
C SER A 90 22.57 -9.86 -3.95
N GLN A 91 22.14 -10.63 -2.94
CA GLN A 91 22.00 -12.07 -3.09
CA GLN A 91 21.96 -12.08 -3.07
C GLN A 91 20.97 -12.39 -4.19
N HIS A 92 20.05 -11.47 -4.42
CA HIS A 92 18.95 -11.71 -5.35
C HIS A 92 19.04 -10.95 -6.64
N TRP A 93 20.14 -10.24 -6.82
CA TRP A 93 20.36 -9.53 -8.06
C TRP A 93 21.85 -9.33 -8.23
N PRO A 94 22.47 -10.15 -9.09
CA PRO A 94 23.91 -10.10 -9.31
C PRO A 94 24.39 -8.69 -9.63
N ALA A 95 23.58 -7.91 -10.33
CA ALA A 95 23.91 -6.54 -10.68
C ALA A 95 24.25 -5.71 -9.44
N LEU A 96 23.69 -6.10 -8.30
CA LEU A 96 23.90 -5.39 -7.06
C LEU A 96 25.09 -5.89 -6.26
N GLN A 97 25.65 -7.03 -6.67
CA GLN A 97 26.82 -7.52 -5.98
C GLN A 97 27.96 -6.53 -6.16
N GLY A 98 28.65 -6.24 -5.07
CA GLY A 98 29.74 -5.27 -5.09
C GLY A 98 29.24 -3.89 -4.72
N SER A 99 27.92 -3.70 -4.76
CA SER A 99 27.32 -2.45 -4.35
C SER A 99 27.05 -2.47 -2.85
N ARG A 100 26.55 -1.35 -2.34
CA ARG A 100 26.23 -1.24 -0.93
C ARG A 100 25.10 -2.19 -0.53
N PHE A 101 24.42 -2.75 -1.53
CA PHE A 101 23.35 -3.69 -1.29
C PHE A 101 23.85 -5.07 -0.89
N ASP A 102 25.16 -5.23 -0.87
CA ASP A 102 25.78 -6.37 -0.22
C ASP A 102 25.56 -6.29 1.29
N GLY A 103 25.36 -5.06 1.79
CA GLY A 103 25.26 -4.83 3.22
C GLY A 103 23.88 -4.37 3.65
N ILE A 104 22.92 -4.58 2.76
CA ILE A 104 21.56 -4.15 3.00
C ILE A 104 20.68 -5.37 2.90
N SER A 105 19.89 -5.60 3.94
CA SER A 105 19.03 -6.77 3.94
C SER A 105 17.75 -6.49 3.16
N LEU A 106 17.09 -7.57 2.78
CA LEU A 106 15.78 -7.45 2.17
C LEU A 106 14.83 -6.77 3.13
N LEU A 107 14.94 -7.09 4.40
CA LEU A 107 14.13 -6.46 5.41
C LEU A 107 14.35 -4.95 5.43
N ASP A 108 15.61 -4.53 5.35
CA ASP A 108 15.93 -3.11 5.28
C ASP A 108 15.20 -2.46 4.14
N LEU A 109 15.27 -3.12 2.98
CA LEU A 109 14.61 -2.59 1.80
C LEU A 109 13.11 -2.53 2.03
N ALA A 110 12.56 -3.63 2.51
CA ALA A 110 11.13 -3.75 2.72
C ALA A 110 10.60 -2.67 3.63
N THR A 111 11.39 -2.34 4.64
CA THR A 111 10.91 -1.50 5.70
C THR A 111 11.62 -0.16 5.73
N TYR A 112 12.24 0.19 4.60
CA TYR A 112 12.76 1.54 4.35
C TYR A 112 13.90 1.90 5.29
N THR A 113 14.62 0.90 5.76
CA THR A 113 15.72 1.14 6.66
C THR A 113 17.06 0.83 6.02
N ALA A 114 17.09 0.80 4.69
CA ALA A 114 18.32 0.48 3.96
C ALA A 114 19.38 1.54 4.16
N GLY A 115 18.96 2.73 4.59
CA GLY A 115 19.93 3.77 4.93
C GLY A 115 19.76 4.99 4.08
N GLY A 116 18.51 5.38 3.83
CA GLY A 116 18.26 6.67 3.23
C GLY A 116 17.95 6.63 1.75
N LEU A 117 17.53 5.47 1.27
CA LEU A 117 16.94 5.42 -0.06
C LEU A 117 15.81 6.44 -0.06
N PRO A 118 15.76 7.29 -1.08
CA PRO A 118 14.85 8.42 -1.05
C PRO A 118 13.41 8.00 -1.27
N LEU A 119 12.50 8.92 -1.00
CA LEU A 119 11.08 8.67 -1.18
C LEU A 119 10.79 8.09 -2.56
N GLN A 120 11.36 8.72 -3.58
CA GLN A 120 11.14 8.29 -4.95
C GLN A 120 12.48 8.15 -5.63
N PHE A 121 12.51 7.36 -6.69
CA PHE A 121 13.62 7.41 -7.61
C PHE A 121 13.75 8.84 -8.10
N PRO A 122 14.99 9.34 -8.26
CA PRO A 122 15.14 10.62 -8.91
C PRO A 122 14.49 10.58 -10.29
N ASP A 123 13.97 11.73 -10.74
CA ASP A 123 13.27 11.79 -12.01
CA ASP A 123 13.29 11.83 -12.03
C ASP A 123 14.15 11.32 -13.17
N SER A 124 15.47 11.39 -12.98
CA SER A 124 16.45 10.97 -13.97
C SER A 124 16.39 9.46 -14.21
N VAL A 125 15.99 8.71 -13.18
CA VAL A 125 15.87 7.27 -13.33
C VAL A 125 14.54 6.93 -13.98
N GLN A 126 14.63 6.47 -15.23
CA GLN A 126 13.45 6.10 -15.99
C GLN A 126 13.06 4.67 -15.66
N LYS A 127 11.89 4.26 -16.15
CA LYS A 127 11.46 2.88 -16.02
C LYS A 127 12.32 2.04 -16.96
N ASP A 128 13.50 1.70 -16.47
CA ASP A 128 14.50 1.05 -17.28
C ASP A 128 15.34 0.20 -16.35
N GLN A 129 15.41 -1.09 -16.67
CA GLN A 129 16.14 -2.07 -15.87
CA GLN A 129 16.13 -2.05 -15.85
C GLN A 129 17.56 -1.61 -15.59
N ALA A 130 18.24 -1.15 -16.65
CA ALA A 130 19.62 -0.68 -16.56
C ALA A 130 19.77 0.55 -15.68
N GLN A 131 18.87 1.50 -15.84
CA GLN A 131 18.91 2.72 -15.04
C GLN A 131 18.63 2.43 -13.58
N ILE A 132 17.69 1.54 -13.33
CA ILE A 132 17.38 1.10 -11.97
C ILE A 132 18.58 0.39 -11.38
N ARG A 133 19.15 -0.53 -12.17
CA ARG A 133 20.39 -1.23 -11.83
C ARG A 133 21.47 -0.21 -11.46
N ASP A 134 21.70 0.74 -12.36
CA ASP A 134 22.74 1.75 -12.16
C ASP A 134 22.45 2.60 -10.94
N TYR A 135 21.17 2.93 -10.74
CA TYR A 135 20.77 3.72 -9.60
C TYR A 135 21.19 3.06 -8.29
N TYR A 136 20.82 1.78 -8.13
CA TYR A 136 21.14 1.07 -6.91
C TYR A 136 22.62 0.83 -6.75
N ARG A 137 23.29 0.47 -7.84
CA ARG A 137 24.72 0.23 -7.83
C ARG A 137 25.47 1.43 -7.27
N GLN A 138 25.04 2.62 -7.66
CA GLN A 138 25.76 3.83 -7.27
C GLN A 138 25.24 4.43 -5.98
N TRP A 139 24.10 3.93 -5.51
CA TRP A 139 23.52 4.45 -4.28
C TRP A 139 24.33 4.06 -3.06
N GLN A 140 24.50 5.03 -2.15
CA GLN A 140 25.23 4.81 -0.91
C GLN A 140 24.31 5.17 0.24
N PRO A 141 24.29 4.34 1.30
CA PRO A 141 23.52 4.69 2.48
C PRO A 141 23.98 6.01 3.08
N THR A 142 23.00 6.79 3.53
CA THR A 142 23.25 8.03 4.22
C THR A 142 23.62 7.73 5.67
N TYR A 143 23.12 6.61 6.17
CA TYR A 143 23.39 6.17 7.53
C TYR A 143 23.29 4.66 7.53
N ALA A 144 23.65 4.05 8.66
CA ALA A 144 23.71 2.61 8.77
C ALA A 144 22.39 1.98 8.35
N PRO A 145 22.44 1.00 7.44
CA PRO A 145 21.27 0.20 7.18
C PRO A 145 20.72 -0.37 8.48
N GLY A 146 19.40 -0.37 8.61
CA GLY A 146 18.74 -0.91 9.78
C GLY A 146 18.60 0.06 10.94
N SER A 147 18.97 1.32 10.72
CA SER A 147 18.96 2.28 11.80
C SER A 147 17.86 3.31 11.65
N GLN A 148 17.62 3.76 10.43
CA GLN A 148 16.66 4.81 10.20
C GLN A 148 15.68 4.45 9.13
N ARG A 149 14.42 4.71 9.41
CA ARG A 149 13.38 4.54 8.44
C ARG A 149 13.29 5.79 7.63
N LEU A 150 13.47 5.64 6.32
CA LEU A 150 13.16 6.72 5.41
C LEU A 150 12.25 6.12 4.38
N TYR A 151 10.98 6.47 4.49
CA TYR A 151 9.98 5.91 3.62
C TYR A 151 10.41 6.09 2.17
N SER A 152 10.36 5.00 1.41
CA SER A 152 11.06 4.98 0.15
C SER A 152 10.50 3.99 -0.84
N ASN A 153 10.10 4.52 -1.99
CA ASN A 153 9.70 3.67 -3.10
C ASN A 153 10.85 2.83 -3.60
N PRO A 154 12.02 3.45 -3.89
CA PRO A 154 13.11 2.60 -4.36
C PRO A 154 13.49 1.53 -3.35
N SER A 155 13.29 1.79 -2.07
CA SER A 155 13.60 0.79 -1.05
C SER A 155 12.71 -0.43 -1.17
N ILE A 156 11.42 -0.22 -0.98
CA ILE A 156 10.50 -1.33 -1.03
C ILE A 156 10.30 -1.81 -2.47
N GLY A 157 10.46 -0.89 -3.42
CA GLY A 157 10.46 -1.23 -4.84
C GLY A 157 11.50 -2.30 -5.10
N LEU A 158 12.71 -2.07 -4.60
CA LEU A 158 13.76 -3.03 -4.78
C LEU A 158 13.43 -4.32 -4.05
N PHE A 159 12.88 -4.19 -2.86
CA PHE A 159 12.45 -5.36 -2.12
C PHE A 159 11.52 -6.21 -2.95
N GLY A 160 10.52 -5.58 -3.56
CA GLY A 160 9.56 -6.29 -4.39
C GLY A 160 10.22 -6.87 -5.62
N TYR A 161 11.07 -6.06 -6.23
CA TYR A 161 11.80 -6.47 -7.42
C TYR A 161 12.66 -7.69 -7.09
N LEU A 162 13.34 -7.66 -5.96
CA LEU A 162 14.19 -8.76 -5.56
C LEU A 162 13.38 -9.98 -5.17
N ALA A 163 12.22 -9.75 -4.55
CA ALA A 163 11.31 -10.85 -4.24
C ALA A 163 10.91 -11.53 -5.53
N ALA A 164 10.58 -10.73 -6.55
CA ALA A 164 10.24 -11.25 -7.86
C ALA A 164 11.40 -12.03 -8.43
N ARG A 165 12.60 -11.46 -8.36
CA ARG A 165 13.79 -12.13 -8.82
C ARG A 165 14.00 -13.44 -8.10
N SER A 166 13.75 -13.44 -6.79
CA SER A 166 13.91 -14.65 -6.00
C SER A 166 12.94 -15.73 -6.45
N LEU A 167 11.81 -15.30 -7.02
CA LEU A 167 10.82 -16.21 -7.56
C LEU A 167 11.06 -16.53 -9.03
N GLY A 168 12.06 -15.88 -9.62
CA GLY A 168 12.50 -16.18 -10.98
C GLY A 168 11.55 -15.69 -12.06
N GLN A 169 10.68 -14.75 -11.70
CA GLN A 169 9.74 -14.18 -12.67
C GLN A 169 9.67 -12.68 -12.46
N PRO A 170 9.32 -11.92 -13.52
CA PRO A 170 9.13 -10.50 -13.34
C PRO A 170 8.05 -10.22 -12.32
N PHE A 171 8.29 -9.18 -11.54
CA PHE A 171 7.35 -8.77 -10.51
C PHE A 171 5.95 -8.62 -11.07
N GLU A 172 5.85 -7.92 -12.20
CA GLU A 172 4.56 -7.60 -12.79
C GLU A 172 3.82 -8.85 -13.18
N ARG A 173 4.56 -9.83 -13.72
CA ARG A 173 3.96 -11.08 -14.13
C ARG A 173 3.48 -11.85 -12.92
N LEU A 174 4.31 -11.88 -11.88
CA LEU A 174 3.93 -12.57 -10.66
C LEU A 174 2.67 -11.98 -10.07
N MET A 175 2.57 -10.65 -10.11
CA MET A 175 1.40 -9.98 -9.59
C MET A 175 0.17 -10.37 -10.39
N GLU A 176 0.28 -10.29 -11.70
CA GLU A 176 -0.86 -10.56 -12.57
C GLU A 176 -1.22 -12.02 -12.59
N GLN A 177 -0.20 -12.87 -12.65
CA GLN A 177 -0.43 -14.29 -12.89
C GLN A 177 -0.67 -15.07 -11.62
N GLN A 178 -0.12 -14.58 -10.52
CA GLN A 178 -0.19 -15.34 -9.27
C GLN A 178 -0.82 -14.58 -8.13
N VAL A 179 -0.30 -13.38 -7.84
CA VAL A 179 -0.73 -12.68 -6.64
C VAL A 179 -2.19 -12.27 -6.73
N PHE A 180 -2.54 -11.50 -7.76
CA PHE A 180 -3.91 -11.06 -7.90
C PHE A 180 -4.91 -12.22 -8.01
N PRO A 181 -4.61 -13.23 -8.85
CA PRO A 181 -5.53 -14.37 -8.89
C PRO A 181 -5.62 -15.08 -7.54
N ALA A 182 -4.50 -15.19 -6.84
CA ALA A 182 -4.49 -15.86 -5.54
C ALA A 182 -5.38 -15.12 -4.56
N LEU A 183 -5.40 -13.80 -4.68
CA LEU A 183 -6.19 -12.95 -3.80
C LEU A 183 -7.61 -12.78 -4.32
N GLY A 184 -7.90 -13.41 -5.46
CA GLY A 184 -9.23 -13.35 -6.06
C GLY A 184 -9.54 -11.99 -6.63
N LEU A 185 -8.50 -11.32 -7.09
CA LEU A 185 -8.62 -9.93 -7.56
C LEU A 185 -8.61 -9.87 -9.06
N GLU A 186 -9.77 -9.57 -9.62
CA GLU A 186 -9.93 -9.50 -11.06
C GLU A 186 -10.13 -8.07 -11.53
N GLN A 187 -10.15 -7.15 -10.57
CA GLN A 187 -10.29 -5.73 -10.86
C GLN A 187 -9.08 -5.02 -10.31
N THR A 188 -7.95 -5.72 -10.30
CA THR A 188 -6.73 -5.19 -9.74
C THR A 188 -5.65 -5.39 -10.77
N HIS A 189 -4.99 -4.30 -11.12
CA HIS A 189 -4.10 -4.30 -12.26
C HIS A 189 -2.88 -3.49 -11.98
N LEU A 190 -1.78 -3.92 -12.58
CA LEU A 190 -0.62 -3.06 -12.69
C LEU A 190 -0.72 -2.31 -14.00
N ASP A 191 -1.30 -2.99 -14.98
CA ASP A 191 -1.46 -2.44 -16.30
C ASP A 191 -2.90 -2.71 -16.63
N VAL A 192 -3.73 -1.68 -16.49
CA VAL A 192 -5.15 -1.85 -16.67
C VAL A 192 -5.39 -2.31 -18.10
N PRO A 193 -6.07 -3.45 -18.26
CA PRO A 193 -6.39 -3.91 -19.59
C PRO A 193 -7.22 -2.87 -20.31
N GLU A 194 -7.03 -2.77 -21.61
CA GLU A 194 -7.81 -1.86 -22.43
C GLU A 194 -9.29 -2.01 -22.16
N ALA A 195 -9.73 -3.27 -22.00
CA ALA A 195 -11.14 -3.58 -21.81
C ALA A 195 -11.67 -3.07 -20.46
N ALA A 196 -10.76 -2.75 -19.56
CA ALA A 196 -11.13 -2.25 -18.24
C ALA A 196 -10.87 -0.74 -18.10
N LEU A 197 -10.38 -0.12 -19.17
CA LEU A 197 -10.01 1.30 -19.09
C LEU A 197 -11.19 2.21 -18.77
N ALA A 198 -12.38 1.82 -19.20
CA ALA A 198 -13.59 2.58 -18.90
C ALA A 198 -13.85 2.65 -17.40
N GLN A 199 -13.29 1.70 -16.66
CA GLN A 199 -13.42 1.69 -15.20
C GLN A 199 -12.36 2.55 -14.54
N TYR A 200 -11.34 2.92 -15.30
CA TYR A 200 -10.19 3.62 -14.75
C TYR A 200 -10.57 5.07 -14.52
N ALA A 201 -10.70 5.44 -13.25
CA ALA A 201 -11.01 6.81 -12.89
C ALA A 201 -9.95 7.74 -13.45
N GLN A 202 -10.37 8.96 -13.71
CA GLN A 202 -9.42 10.01 -13.98
C GLN A 202 -8.83 10.43 -12.66
N GLY A 203 -7.54 10.72 -12.67
CA GLY A 203 -6.89 11.33 -11.51
C GLY A 203 -6.89 12.82 -11.72
N TYR A 204 -6.90 13.56 -10.62
CA TYR A 204 -6.92 15.01 -10.70
C TYR A 204 -5.88 15.62 -9.78
N GLY A 205 -5.08 16.54 -10.34
CA GLY A 205 -4.12 17.30 -9.55
C GLY A 205 -4.49 18.77 -9.52
N LYS A 206 -3.46 19.62 -9.48
CA LYS A 206 -3.63 21.08 -9.44
C LYS A 206 -4.41 21.57 -10.66
N ASP A 207 -5.32 22.52 -10.41
CA ASP A 207 -6.25 23.04 -11.42
C ASP A 207 -7.02 21.92 -12.13
N ASP A 208 -7.23 20.82 -11.40
CA ASP A 208 -7.90 19.63 -11.92
C ASP A 208 -7.29 19.08 -13.20
N ARG A 209 -5.97 19.22 -13.33
CA ARG A 209 -5.29 18.60 -14.45
C ARG A 209 -5.45 17.09 -14.32
N PRO A 210 -5.85 16.43 -15.41
CA PRO A 210 -6.04 15.00 -15.39
C PRO A 210 -4.69 14.34 -15.24
N LEU A 211 -4.62 13.40 -14.31
CA LEU A 211 -3.36 12.76 -13.98
C LEU A 211 -3.58 11.29 -13.77
N ARG A 212 -3.13 10.50 -14.73
CA ARG A 212 -3.01 9.08 -14.52
C ARG A 212 -1.53 8.76 -14.47
N VAL A 213 -1.20 7.80 -13.61
CA VAL A 213 0.18 7.52 -13.29
C VAL A 213 0.89 7.02 -14.54
N GLY A 214 2.05 7.59 -14.80
CA GLY A 214 2.87 7.18 -15.91
C GLY A 214 3.86 6.12 -15.45
N PRO A 215 4.52 5.48 -16.41
CA PRO A 215 5.56 4.51 -16.11
C PRO A 215 6.65 5.13 -15.28
N GLY A 216 7.16 4.37 -14.34
CA GLY A 216 8.28 4.81 -13.55
C GLY A 216 9.06 3.62 -13.11
N PRO A 217 10.31 3.84 -12.68
CA PRO A 217 11.15 2.77 -12.21
C PRO A 217 10.52 2.10 -11.00
N LEU A 218 10.42 0.78 -11.08
CA LEU A 218 9.79 -0.03 -10.04
C LEU A 218 8.42 0.51 -9.67
N ASP A 219 7.72 1.03 -10.68
CA ASP A 219 6.39 1.53 -10.43
C ASP A 219 5.46 0.44 -9.96
N ALA A 220 5.57 -0.74 -10.56
CA ALA A 220 4.69 -1.84 -10.19
C ALA A 220 4.84 -2.14 -8.71
N GLU A 221 6.09 -2.17 -8.26
CA GLU A 221 6.41 -2.53 -6.89
C GLU A 221 6.03 -1.46 -5.91
N GLY A 222 6.21 -0.20 -6.31
CA GLY A 222 6.04 0.91 -5.39
C GLY A 222 4.63 1.47 -5.37
N TYR A 223 4.02 1.55 -6.55
CA TYR A 223 2.78 2.29 -6.67
C TYR A 223 2.00 1.89 -7.89
N GLY A 224 2.18 0.65 -8.33
CA GLY A 224 1.71 0.21 -9.64
C GLY A 224 0.25 -0.15 -9.73
N VAL A 225 -0.39 -0.36 -8.59
CA VAL A 225 -1.70 -0.99 -8.61
C VAL A 225 -2.81 0.00 -8.92
N LYS A 226 -3.66 -0.38 -9.85
CA LYS A 226 -4.93 0.26 -10.05
C LYS A 226 -5.92 -0.78 -9.67
N THR A 227 -6.82 -0.41 -8.78
CA THR A 227 -7.78 -1.36 -8.32
C THR A 227 -9.05 -0.65 -7.95
N SER A 228 -10.11 -1.43 -7.78
CA SER A 228 -11.37 -0.90 -7.38
C SER A 228 -11.45 -0.95 -5.88
N ALA A 229 -12.39 -0.18 -5.31
CA ALA A 229 -12.63 -0.26 -3.89
C ALA A 229 -13.05 -1.68 -3.52
N ALA A 230 -13.85 -2.30 -4.38
CA ALA A 230 -14.31 -3.66 -4.13
C ALA A 230 -13.13 -4.62 -4.06
N ASP A 231 -12.24 -4.51 -5.03
CA ASP A 231 -11.10 -5.41 -5.05
C ASP A 231 -10.14 -5.11 -3.93
N LEU A 232 -9.92 -3.84 -3.65
CA LEU A 232 -9.01 -3.50 -2.59
C LEU A 232 -9.58 -3.97 -1.26
N LEU A 233 -10.89 -3.87 -1.10
CA LEU A 233 -11.52 -4.44 0.09
C LEU A 233 -11.37 -5.95 0.13
N ARG A 234 -11.49 -6.62 -1.02
CA ARG A 234 -11.26 -8.05 -1.06
CA ARG A 234 -11.26 -8.06 -1.06
C ARG A 234 -9.85 -8.35 -0.56
N PHE A 235 -8.90 -7.50 -0.97
CA PHE A 235 -7.55 -7.64 -0.50
C PHE A 235 -7.47 -7.39 0.99
N VAL A 236 -8.20 -6.39 1.48
CA VAL A 236 -8.26 -6.14 2.90
C VAL A 236 -8.84 -7.36 3.59
N ASP A 237 -9.88 -7.94 2.99
CA ASP A 237 -10.49 -9.11 3.57
C ASP A 237 -9.55 -10.29 3.59
N ALA A 238 -8.75 -10.41 2.53
CA ALA A 238 -7.70 -11.41 2.50
C ALA A 238 -6.73 -11.17 3.65
N ASN A 239 -6.41 -9.90 3.89
CA ASN A 239 -5.56 -9.55 5.01
C ASN A 239 -6.20 -9.83 6.35
N LEU A 240 -7.50 -9.60 6.43
CA LEU A 240 -8.23 -9.87 7.66
C LEU A 240 -8.36 -11.35 7.89
N HIS A 241 -8.34 -12.11 6.79
CA HIS A 241 -8.54 -13.54 6.86
C HIS A 241 -7.63 -14.30 5.92
N PRO A 242 -6.31 -14.27 6.19
CA PRO A 242 -5.38 -14.98 5.33
C PRO A 242 -5.74 -16.44 5.24
N GLU A 243 -6.33 -16.98 6.30
CA GLU A 243 -6.69 -18.39 6.37
C GLU A 243 -7.73 -18.78 5.34
N ARG A 244 -8.36 -17.79 4.72
CA ARG A 244 -9.35 -18.05 3.68
C ARG A 244 -8.70 -18.27 2.33
N LEU A 245 -7.40 -18.01 2.27
CA LEU A 245 -6.62 -18.21 1.06
CA LEU A 245 -6.65 -18.23 1.05
C LEU A 245 -5.87 -19.52 1.15
N ASP A 246 -5.53 -20.07 -0.02
CA ASP A 246 -4.71 -21.26 -0.08
C ASP A 246 -3.45 -20.99 0.71
N ARG A 247 -3.01 -22.01 1.44
CA ARG A 247 -1.94 -21.88 2.44
C ARG A 247 -0.74 -21.02 2.04
N PRO A 248 -0.18 -21.25 0.84
CA PRO A 248 0.97 -20.43 0.43
C PRO A 248 0.66 -18.93 0.47
N TRP A 249 -0.56 -18.58 0.08
CA TRP A 249 -0.95 -17.17 0.05
C TRP A 249 -1.39 -16.67 1.40
N ALA A 250 -1.99 -17.55 2.19
CA ALA A 250 -2.29 -17.23 3.57
C ALA A 250 -1.00 -16.83 4.28
N GLN A 251 0.03 -17.65 4.11
CA GLN A 251 1.34 -17.39 4.69
C GLN A 251 1.93 -16.09 4.15
N ALA A 252 1.77 -15.87 2.86
CA ALA A 252 2.26 -14.65 2.22
C ALA A 252 1.63 -13.44 2.88
N LEU A 253 0.33 -13.49 3.09
CA LEU A 253 -0.39 -12.40 3.75
C LEU A 253 0.06 -12.24 5.18
N ASP A 254 0.20 -13.36 5.89
CA ASP A 254 0.67 -13.33 7.26
C ASP A 254 1.99 -12.61 7.34
N ALA A 255 2.84 -12.82 6.33
CA ALA A 255 4.16 -12.23 6.32
C ALA A 255 4.10 -10.71 6.25
N THR A 256 2.97 -10.18 5.79
CA THR A 256 2.78 -8.74 5.76
C THR A 256 2.16 -8.23 7.06
N HIS A 257 1.96 -9.13 8.02
CA HIS A 257 1.40 -8.76 9.31
C HIS A 257 2.39 -9.01 10.41
N ARG A 258 3.64 -8.69 10.11
CA ARG A 258 4.71 -8.86 11.06
C ARG A 258 5.42 -7.54 11.17
N GLY A 259 5.46 -7.00 12.37
CA GLY A 259 6.11 -5.73 12.61
C GLY A 259 7.56 -5.97 12.97
N TYR A 260 8.43 -5.11 12.45
CA TYR A 260 9.86 -5.29 12.61
C TYR A 260 10.49 -4.25 13.49
N TYR A 261 9.88 -3.08 13.51
CA TYR A 261 10.33 -2.02 14.36
C TYR A 261 9.21 -1.03 14.53
N LYS A 262 9.41 -0.12 15.46
CA LYS A 262 8.47 0.95 15.65
C LYS A 262 9.15 2.26 15.36
N VAL A 263 8.39 3.16 14.75
CA VAL A 263 8.75 4.55 14.70
C VAL A 263 7.55 5.24 15.30
N GLY A 264 7.76 5.85 16.46
CA GLY A 264 6.67 6.46 17.20
C GLY A 264 5.57 5.43 17.41
N ASP A 265 4.37 5.76 16.97
CA ASP A 265 3.22 4.91 17.18
C ASP A 265 3.09 3.82 16.14
N MET A 266 3.94 3.89 15.12
CA MET A 266 3.78 3.03 13.99
C MET A 266 4.73 1.85 14.08
N THR A 267 4.18 0.66 13.87
CA THR A 267 4.97 -0.54 13.77
C THR A 267 5.01 -0.92 12.32
N GLN A 268 6.23 -1.03 11.80
CA GLN A 268 6.41 -1.23 10.40
C GLN A 268 6.39 -2.70 10.06
N GLY A 269 5.43 -3.08 9.24
CA GLY A 269 5.41 -4.42 8.68
C GLY A 269 5.94 -4.36 7.28
N LEU A 270 5.71 -5.43 6.53
CA LEU A 270 5.99 -5.40 5.12
C LEU A 270 4.79 -4.77 4.47
N GLY A 271 4.99 -3.57 3.95
CA GLY A 271 3.92 -2.82 3.33
C GLY A 271 3.05 -2.18 4.39
N TRP A 272 2.38 -3.00 5.19
CA TRP A 272 1.48 -2.50 6.20
C TRP A 272 2.22 -1.79 7.31
N GLU A 273 1.58 -0.74 7.79
CA GLU A 273 2.06 -0.01 8.93
C GLU A 273 0.99 -0.09 9.97
N ALA A 274 1.39 -0.41 11.17
CA ALA A 274 0.44 -0.77 12.20
C ALA A 274 0.49 0.19 13.34
N TYR A 275 -0.68 0.40 13.92
CA TYR A 275 -0.83 1.23 15.09
C TYR A 275 -1.61 0.44 16.08
N ASP A 276 -1.37 0.73 17.35
CA ASP A 276 -2.26 0.24 18.36
C ASP A 276 -3.63 0.82 18.09
N TRP A 277 -4.64 0.04 18.40
CA TRP A 277 -6.00 0.48 18.17
C TRP A 277 -6.80 0.19 19.41
N PRO A 278 -7.48 1.21 19.96
CA PRO A 278 -7.58 2.55 19.39
C PRO A 278 -6.34 3.40 19.61
N ILE A 279 -6.21 4.42 18.78
CA ILE A 279 -5.21 5.45 18.94
C ILE A 279 -5.91 6.69 18.43
N SER A 280 -5.44 7.85 18.86
CA SER A 280 -6.09 9.08 18.45
C SER A 280 -5.96 9.29 16.96
N LEU A 281 -6.93 10.00 16.41
CA LEU A 281 -6.86 10.38 15.02
C LEU A 281 -5.56 11.12 14.75
N LYS A 282 -5.21 12.05 15.62
CA LYS A 282 -4.02 12.84 15.40
C LYS A 282 -2.76 11.99 15.33
N ARG A 283 -2.69 10.95 16.16
CA ARG A 283 -1.54 10.08 16.12
C ARG A 283 -1.52 9.27 14.85
N LEU A 284 -2.69 8.81 14.45
CA LEU A 284 -2.78 8.06 13.21
C LEU A 284 -2.42 8.96 12.04
N GLN A 285 -2.86 10.21 12.10
CA GLN A 285 -2.50 11.17 11.06
C GLN A 285 -1.01 11.44 11.08
N ALA A 286 -0.45 11.63 12.27
CA ALA A 286 0.98 11.87 12.41
C ALA A 286 1.76 10.72 11.80
N GLY A 287 1.28 9.50 12.04
CA GLY A 287 1.92 8.31 11.51
C GLY A 287 1.83 8.27 10.00
N ASN A 288 0.88 8.99 9.44
CA ASN A 288 0.69 9.03 8.00
C ASN A 288 0.93 10.41 7.45
N SER A 289 1.79 11.14 8.14
CA SER A 289 2.02 12.53 7.82
C SER A 289 3.19 12.67 6.87
N THR A 290 3.31 13.85 6.30
CA THR A 290 4.41 14.16 5.40
C THR A 290 5.77 14.01 6.08
N PRO A 291 5.95 14.58 7.30
CA PRO A 291 7.24 14.42 7.97
C PRO A 291 7.58 12.96 8.25
N MET A 292 6.55 12.17 8.54
CA MET A 292 6.74 10.74 8.74
C MET A 292 7.29 10.09 7.47
N ALA A 293 6.72 10.46 6.32
CA ALA A 293 7.13 9.90 5.04
C ALA A 293 8.46 10.45 4.57
N LEU A 294 8.69 11.73 4.81
CA LEU A 294 9.79 12.43 4.15
C LEU A 294 11.06 12.55 4.96
N GLN A 295 10.97 12.24 6.25
CA GLN A 295 12.11 12.40 7.12
C GLN A 295 12.56 11.06 7.65
N PRO A 296 13.88 10.90 7.83
CA PRO A 296 14.36 9.67 8.41
C PRO A 296 14.00 9.64 9.88
N HIS A 297 13.55 8.48 10.34
CA HIS A 297 13.20 8.31 11.72
C HIS A 297 14.00 7.15 12.25
N ARG A 298 14.68 7.38 13.36
CA ARG A 298 15.37 6.31 14.05
C ARG A 298 14.33 5.27 14.40
N ILE A 299 14.63 4.02 14.09
CA ILE A 299 13.70 2.95 14.39
C ILE A 299 13.95 2.39 15.78
N ALA A 300 12.89 1.89 16.40
CA ALA A 300 13.04 1.08 17.59
C ALA A 300 12.80 -0.34 17.12
N ARG A 301 13.89 -1.06 16.90
CA ARG A 301 13.80 -2.42 16.39
C ARG A 301 13.16 -3.30 17.44
N LEU A 302 12.25 -4.15 17.01
CA LEU A 302 11.61 -5.09 17.91
C LEU A 302 12.52 -6.29 18.13
N PRO A 303 12.50 -6.86 19.35
CA PRO A 303 13.34 -8.01 19.67
C PRO A 303 13.02 -9.21 18.76
N ALA A 304 11.78 -9.27 18.31
CA ALA A 304 11.32 -10.30 17.39
C ALA A 304 10.20 -9.72 16.56
N PRO A 305 9.96 -10.28 15.36
CA PRO A 305 8.82 -9.81 14.59
C PRO A 305 7.55 -9.86 15.43
N GLN A 306 6.77 -8.80 15.36
CA GLN A 306 5.57 -8.68 16.16
C GLN A 306 4.39 -8.96 15.26
N ALA A 307 3.51 -9.84 15.71
CA ALA A 307 2.31 -10.13 14.97
C ALA A 307 1.45 -8.87 14.91
N LEU A 308 1.15 -8.43 13.70
CA LEU A 308 0.34 -7.25 13.51
C LEU A 308 -1.10 -7.68 13.36
N GLU A 309 -1.73 -7.88 14.50
CA GLU A 309 -3.06 -8.44 14.55
C GLU A 309 -3.69 -7.95 15.83
N GLY A 310 -4.88 -8.46 16.12
CA GLY A 310 -5.61 -8.07 17.31
C GLY A 310 -5.96 -6.60 17.24
N GLN A 311 -5.75 -5.93 18.37
CA GLN A 311 -6.18 -4.54 18.53
C GLN A 311 -5.16 -3.60 17.92
N ARG A 312 -5.07 -3.70 16.61
CA ARG A 312 -4.15 -2.90 15.83
CA ARG A 312 -4.15 -2.89 15.85
C ARG A 312 -4.86 -2.38 14.61
N LEU A 313 -4.44 -1.23 14.15
CA LEU A 313 -4.93 -0.73 12.89
C LEU A 313 -3.75 -0.85 11.97
N LEU A 314 -3.94 -1.61 10.90
CA LEU A 314 -2.94 -1.69 9.88
C LEU A 314 -3.41 -0.82 8.77
N ASN A 315 -2.51 -0.03 8.23
CA ASN A 315 -2.90 0.86 7.18
C ASN A 315 -1.82 1.08 6.19
N LYS A 316 -2.22 1.66 5.06
CA LYS A 316 -1.26 2.17 4.14
C LYS A 316 -1.92 3.28 3.39
N THR A 317 -1.21 4.39 3.31
CA THR A 317 -1.58 5.48 2.45
C THR A 317 -0.89 5.23 1.12
N GLY A 318 -1.48 5.74 0.07
CA GLY A 318 -0.83 5.64 -1.21
C GLY A 318 -1.36 6.75 -2.05
N SER A 319 -0.48 7.36 -2.81
CA SER A 319 -0.88 8.44 -3.68
C SER A 319 -0.16 8.31 -4.97
N THR A 320 -0.82 8.73 -6.01
CA THR A 320 -0.14 9.08 -7.23
C THR A 320 -0.40 10.56 -7.39
N ASN A 321 0.02 11.13 -8.51
CA ASN A 321 -0.19 12.55 -8.71
C ASN A 321 -1.67 12.89 -8.71
N GLY A 322 -2.49 11.96 -9.17
CA GLY A 322 -3.90 12.22 -9.33
C GLY A 322 -4.81 11.47 -8.40
N PHE A 323 -4.24 10.65 -7.52
CA PHE A 323 -5.05 9.76 -6.69
C PHE A 323 -4.55 9.73 -5.28
N GLY A 324 -5.47 9.44 -4.38
CA GLY A 324 -5.15 9.32 -2.99
C GLY A 324 -5.92 8.16 -2.43
N ALA A 325 -5.19 7.17 -1.97
CA ALA A 325 -5.77 5.96 -1.46
C ALA A 325 -5.39 5.82 -0.02
N TYR A 326 -6.25 5.14 0.71
CA TYR A 326 -5.94 4.80 2.05
C TYR A 326 -6.67 3.53 2.36
N VAL A 327 -5.96 2.62 3.00
CA VAL A 327 -6.54 1.39 3.43
C VAL A 327 -6.19 1.26 4.87
N ALA A 328 -7.17 0.88 5.67
CA ALA A 328 -6.94 0.62 7.08
C ALA A 328 -7.76 -0.58 7.43
N PHE A 329 -7.20 -1.45 8.23
CA PHE A 329 -8.00 -2.52 8.76
C PHE A 329 -7.57 -2.83 10.16
N VAL A 330 -8.51 -3.38 10.91
CA VAL A 330 -8.29 -3.75 12.28
C VAL A 330 -8.47 -5.24 12.34
N PRO A 331 -7.35 -5.98 12.29
CA PRO A 331 -7.42 -7.43 12.26
C PRO A 331 -8.32 -8.00 13.36
N GLY A 332 -8.14 -7.51 14.57
CA GLY A 332 -8.88 -8.01 15.72
C GLY A 332 -10.35 -7.67 15.72
N ARG A 333 -10.77 -6.80 14.82
CA ARG A 333 -12.17 -6.37 14.72
CA ARG A 333 -12.18 -6.43 14.74
C ARG A 333 -12.82 -6.87 13.44
N ASP A 334 -12.05 -7.58 12.61
CA ASP A 334 -12.55 -8.08 11.33
C ASP A 334 -13.18 -6.90 10.62
N LEU A 335 -12.43 -5.81 10.66
CA LEU A 335 -12.88 -4.52 10.15
CA LEU A 335 -12.90 -4.52 10.16
C LEU A 335 -11.86 -4.02 9.17
N GLY A 336 -12.32 -3.63 8.00
CA GLY A 336 -11.42 -3.13 7.00
C GLY A 336 -12.10 -2.01 6.27
N LEU A 337 -11.31 -1.05 5.83
CA LEU A 337 -11.86 -0.05 4.96
C LEU A 337 -10.86 0.38 3.94
N VAL A 338 -11.42 0.77 2.82
CA VAL A 338 -10.68 1.26 1.68
CA VAL A 338 -10.60 1.35 1.76
C VAL A 338 -11.25 2.63 1.35
N ILE A 339 -10.41 3.62 1.12
CA ILE A 339 -10.87 4.91 0.70
C ILE A 339 -10.03 5.27 -0.49
N LEU A 340 -10.65 5.25 -1.66
CA LEU A 340 -9.94 5.51 -2.88
C LEU A 340 -10.49 6.76 -3.46
N ALA A 341 -9.61 7.69 -3.77
CA ALA A 341 -10.04 8.96 -4.30
C ALA A 341 -9.22 9.27 -5.51
N ASN A 342 -9.82 10.01 -6.42
CA ASN A 342 -9.10 10.46 -7.59
C ASN A 342 -8.64 11.90 -7.43
N ARG A 343 -8.20 12.21 -6.22
CA ARG A 343 -7.31 13.31 -6.00
C ARG A 343 -6.32 12.87 -4.97
N ASN A 344 -5.07 13.31 -5.14
CA ASN A 344 -4.10 13.17 -4.09
C ASN A 344 -4.38 14.25 -3.07
N TYR A 345 -5.21 13.91 -2.11
CA TYR A 345 -5.53 14.84 -1.05
C TYR A 345 -4.78 14.38 0.18
N PRO A 346 -4.56 15.30 1.13
CA PRO A 346 -3.67 15.00 2.24
C PRO A 346 -4.01 13.71 2.94
N ASN A 347 -2.97 12.94 3.23
CA ASN A 347 -3.15 11.71 3.97
C ASN A 347 -3.99 11.89 5.22
N ALA A 348 -3.78 13.01 5.90
CA ALA A 348 -4.49 13.29 7.15
C ALA A 348 -5.98 13.26 6.92
N GLU A 349 -6.38 13.69 5.73
CA GLU A 349 -7.79 13.77 5.37
C GLU A 349 -8.34 12.39 5.12
N ARG A 350 -7.53 11.54 4.52
CA ARG A 350 -7.92 10.16 4.27
C ARG A 350 -8.10 9.46 5.59
N VAL A 351 -7.12 9.68 6.48
CA VAL A 351 -7.16 9.07 7.78
C VAL A 351 -8.34 9.61 8.55
N LYS A 352 -8.62 10.90 8.38
CA LYS A 352 -9.79 11.52 9.00
C LYS A 352 -11.07 10.81 8.59
N ILE A 353 -11.21 10.51 7.30
CA ILE A 353 -12.39 9.79 6.84
C ILE A 353 -12.42 8.42 7.50
N ALA A 354 -11.31 7.69 7.40
CA ALA A 354 -11.23 6.35 7.93
C ALA A 354 -11.58 6.37 9.40
N TYR A 355 -10.99 7.32 10.11
CA TYR A 355 -11.14 7.39 11.53
C TYR A 355 -12.58 7.69 11.91
N ALA A 356 -13.19 8.61 11.17
CA ALA A 356 -14.58 8.95 11.40
C ALA A 356 -15.44 7.71 11.21
N ILE A 357 -15.14 6.93 10.18
CA ILE A 357 -15.87 5.71 9.93
C ILE A 357 -15.64 4.70 11.03
N LEU A 358 -14.37 4.44 11.36
CA LEU A 358 -14.04 3.50 12.41
C LEU A 358 -14.63 3.91 13.76
N SER A 359 -14.55 5.20 14.07
CA SER A 359 -15.10 5.73 15.31
CA SER A 359 -15.09 5.73 15.31
C SER A 359 -16.62 5.58 15.37
N GLY A 360 -17.26 5.81 14.23
CA GLY A 360 -18.71 5.69 14.13
C GLY A 360 -19.15 4.25 14.23
N LEU A 361 -18.32 3.34 13.73
CA LEU A 361 -18.58 1.91 13.84
C LEU A 361 -18.42 1.44 15.28
N GLU A 362 -17.49 2.07 16.00
CA GLU A 362 -17.31 1.83 17.43
C GLU A 362 -18.47 2.44 18.23
N GLN A 363 -18.86 3.67 17.87
CA GLN A 363 -19.95 4.38 18.54
C GLN A 363 -21.29 4.14 17.85
#